data_3DH2
#
_entry.id   3DH2
#
_cell.length_a   108.192
_cell.length_b   62.648
_cell.length_c   68.299
_cell.angle_alpha   90.00
_cell.angle_beta   129.18
_cell.angle_gamma   90.00
#
_symmetry.space_group_name_H-M   'C 1 2 1'
#
loop_
_entity.id
_entity.type
_entity.pdbx_description
1 polymer Ribonuclease
2 non-polymer beta-D-glucopyranose
3 non-polymer 'SULFATE ION'
4 non-polymer "GUANOSINE-3'-MONOPHOSPHATE"
5 water water
#
_entity_poly.entity_id   1
_entity_poly.type   'polypeptide(L)'
_entity_poly.pdbx_seq_one_letter_code
;ADPALADVCRTKLPSQAQDTLALIAKNGPYPYNRDGVVFENRESRLPKKGNGYYHEFTVVTPGSNDRGTRRVVTGGYGEQ
YWSPDHYATFQEIDPRC
;
_entity_poly.pdbx_strand_id   A,B,C,D
#
loop_
_chem_comp.id
_chem_comp.type
_chem_comp.name
_chem_comp.formula
3GP non-polymer GUANOSINE-3'-MONOPHOSPHATE 'C10 H14 N5 O8 P'
BGC D-saccharide, beta linking beta-D-glucopyranose 'C6 H12 O6'
SO4 non-polymer 'SULFATE ION' 'O4 S -2'
#
# COMPACT_ATOMS: atom_id res chain seq x y z
N ALA A 4 -4.77 34.91 -2.38
CA ALA A 4 -5.65 34.76 -1.18
C ALA A 4 -5.72 33.28 -0.82
N LEU A 5 -4.96 32.88 0.21
CA LEU A 5 -4.64 31.47 0.36
C LEU A 5 -5.07 30.84 1.67
N ALA A 6 -5.81 29.73 1.58
CA ALA A 6 -6.18 29.03 2.80
C ALA A 6 -4.89 28.51 3.41
N ASP A 7 -4.89 28.30 4.72
CA ASP A 7 -3.71 27.84 5.42
C ASP A 7 -4.08 26.62 6.26
N VAL A 8 -3.17 25.66 6.37
CA VAL A 8 -3.43 24.46 7.17
C VAL A 8 -2.19 24.10 7.99
N CYS A 9 -2.39 23.65 9.23
CA CYS A 9 -1.28 23.17 10.06
C CYS A 9 -0.84 21.81 9.59
N ARG A 10 0.47 21.61 9.56
CA ARG A 10 1.01 20.32 9.13
C ARG A 10 0.40 19.15 9.93
N THR A 11 0.17 19.35 11.23
CA THR A 11 -0.36 18.28 12.08
C THR A 11 -1.77 17.85 11.73
N LYS A 12 -2.50 18.72 11.00
CA LYS A 12 -3.89 18.47 10.61
C LYS A 12 -3.97 17.82 9.23
N LEU A 13 -2.82 17.55 8.63
CA LEU A 13 -2.80 16.96 7.30
C LEU A 13 -2.95 15.48 7.47
N PRO A 14 -3.67 14.82 6.53
CA PRO A 14 -3.79 13.36 6.56
C PRO A 14 -2.41 12.78 6.62
N SER A 15 -2.24 11.63 7.28
CA SER A 15 -0.90 11.11 7.54
C SER A 15 -0.12 10.79 6.25
N GLN A 16 -0.83 10.67 5.13
CA GLN A 16 -0.20 10.38 3.85
C GLN A 16 0.49 11.62 3.32
N ALA A 17 -0.19 12.76 3.51
CA ALA A 17 0.35 14.07 3.16
C ALA A 17 1.63 14.36 3.94
N GLN A 18 1.64 14.01 5.23
CA GLN A 18 2.83 14.17 6.08
C GLN A 18 3.99 13.23 5.65
N ASP A 19 3.67 11.98 5.28
CA ASP A 19 4.66 11.06 4.69
C ASP A 19 5.37 11.71 3.50
N THR A 20 4.58 12.38 2.65
CA THR A 20 5.06 13.00 1.41
C THR A 20 6.03 14.14 1.71
N LEU A 21 5.70 14.96 2.70
CA LEU A 21 6.57 16.04 3.18
C LEU A 21 7.86 15.49 3.80
N ALA A 22 7.77 14.33 4.45
CA ALA A 22 8.96 13.67 4.95
C ALA A 22 9.85 13.20 3.81
N LEU A 23 9.26 12.82 2.68
CA LEU A 23 10.05 12.31 1.55
C LEU A 23 10.66 13.50 0.84
N ILE A 24 9.87 14.57 0.72
CA ILE A 24 10.35 15.84 0.20
C ILE A 24 11.60 16.31 0.97
N ALA A 25 11.50 16.38 2.30
CA ALA A 25 12.63 16.81 3.14
C ALA A 25 13.92 15.96 3.05
N LYS A 26 13.84 14.70 2.62
CA LYS A 26 15.06 13.89 2.37
C LYS A 26 15.28 13.65 0.88
N ASN A 27 14.60 14.41 0.04
CA ASN A 27 14.60 14.21 -1.41
C ASN A 27 14.45 12.75 -1.84
N GLY A 28 13.45 12.08 -1.28
CA GLY A 28 13.04 10.79 -1.74
C GLY A 28 13.84 9.67 -1.10
N PRO A 29 13.90 8.51 -1.78
CA PRO A 29 13.26 8.18 -3.08
C PRO A 29 11.73 8.35 -3.10
N TYR A 30 11.20 8.78 -4.25
CA TYR A 30 9.75 8.98 -4.44
C TYR A 30 9.09 7.79 -5.10
N PRO A 31 7.79 7.53 -4.77
CA PRO A 31 7.13 6.32 -5.31
C PRO A 31 6.66 6.41 -6.75
N TYR A 32 6.98 7.50 -7.45
CA TYR A 32 6.52 7.75 -8.84
C TYR A 32 7.57 8.53 -9.58
N ASN A 33 7.82 8.20 -10.86
CA ASN A 33 8.73 9.02 -11.71
C ASN A 33 8.18 10.42 -11.85
N ARG A 34 6.86 10.55 -11.80
CA ARG A 34 6.21 11.87 -11.93
C ARG A 34 6.40 12.79 -10.73
N ASP A 35 6.97 12.27 -9.65
CA ASP A 35 7.19 13.11 -8.46
C ASP A 35 8.32 14.11 -8.71
N GLY A 36 8.09 15.37 -8.36
CA GLY A 36 9.05 16.40 -8.65
C GLY A 36 8.94 17.06 -10.01
N VAL A 37 7.94 16.71 -10.83
CA VAL A 37 7.79 17.44 -12.08
C VAL A 37 7.23 18.85 -11.86
N VAL A 38 7.61 19.75 -12.75
CA VAL A 38 7.17 21.14 -12.71
C VAL A 38 5.65 21.26 -12.70
N PHE A 39 5.13 21.96 -11.69
CA PHE A 39 3.75 22.36 -11.70
C PHE A 39 3.69 23.74 -12.32
N GLU A 40 2.88 23.89 -13.37
CA GLU A 40 2.96 25.08 -14.18
C GLU A 40 2.17 26.24 -13.63
N ASN A 41 1.24 25.96 -12.71
CA ASN A 41 0.41 27.01 -12.07
C ASN A 41 -0.39 27.83 -13.11
N ARG A 42 -0.87 27.13 -14.14
CA ARG A 42 -1.51 27.72 -15.32
C ARG A 42 -2.72 28.59 -14.93
N GLU A 43 -3.41 28.18 -13.88
CA GLU A 43 -4.62 28.86 -13.42
C GLU A 43 -4.31 30.00 -12.42
N SER A 44 -3.03 30.16 -12.07
CA SER A 44 -2.55 31.05 -10.98
C SER A 44 -3.38 31.06 -9.67
N ARG A 45 -3.68 29.88 -9.16
CA ARG A 45 -4.22 29.72 -7.81
C ARG A 45 -3.11 29.90 -6.77
N LEU A 46 -1.85 29.85 -7.23
CA LEU A 46 -0.68 30.03 -6.38
C LEU A 46 0.08 31.24 -6.86
N PRO A 47 0.77 31.96 -5.94
CA PRO A 47 1.55 33.13 -6.35
C PRO A 47 2.20 32.96 -7.73
N LYS A 48 2.05 33.95 -8.59
CA LYS A 48 2.56 33.89 -9.95
C LYS A 48 4.07 34.09 -9.90
N LYS A 49 4.79 33.05 -10.30
CA LYS A 49 6.24 33.00 -10.14
C LYS A 49 6.83 32.58 -11.47
N GLY A 50 8.15 32.66 -11.59
CA GLY A 50 8.85 32.26 -12.83
C GLY A 50 8.77 30.78 -13.17
N ASN A 51 9.31 30.43 -14.34
CA ASN A 51 9.36 29.05 -14.83
C ASN A 51 10.04 28.12 -13.87
N GLY A 52 9.39 27.01 -13.55
CA GLY A 52 10.03 25.99 -12.74
C GLY A 52 10.13 26.31 -11.25
N TYR A 53 9.38 27.32 -10.80
CA TYR A 53 9.30 27.63 -9.37
C TYR A 53 8.66 26.49 -8.56
N TYR A 54 7.58 25.95 -9.09
CA TYR A 54 6.71 24.99 -8.40
C TYR A 54 6.92 23.56 -8.85
N HIS A 55 6.88 22.63 -7.90
CA HIS A 55 7.00 21.20 -8.24
C HIS A 55 5.93 20.43 -7.53
N GLU A 56 5.45 19.36 -8.16
CA GLU A 56 4.35 18.56 -7.61
C GLU A 56 4.77 17.15 -7.19
N PHE A 57 4.12 16.66 -6.13
CA PHE A 57 4.45 15.39 -5.49
C PHE A 57 3.17 14.66 -5.09
N THR A 58 3.14 13.36 -5.35
CA THR A 58 1.96 12.55 -5.07
C THR A 58 1.72 12.44 -3.56
N VAL A 59 0.45 12.52 -3.17
CA VAL A 59 0.04 12.05 -1.86
C VAL A 59 -0.81 10.81 -2.10
N VAL A 60 -0.41 9.72 -1.45
CA VAL A 60 -1.14 8.47 -1.61
C VAL A 60 -2.55 8.63 -1.04
N THR A 61 -3.54 8.10 -1.77
CA THR A 61 -4.89 7.91 -1.26
C THR A 61 -4.82 6.77 -0.23
N PRO A 62 -5.54 6.90 0.90
CA PRO A 62 -5.52 5.82 1.86
C PRO A 62 -6.31 4.63 1.30
N GLY A 63 -5.76 3.44 1.46
CA GLY A 63 -6.36 2.26 0.90
C GLY A 63 -5.63 1.86 -0.35
N SER A 64 -5.82 2.66 -1.40
CA SER A 64 -5.24 2.45 -2.70
C SER A 64 -3.73 2.66 -2.73
N ASN A 65 -3.06 2.04 -3.70
CA ASN A 65 -1.78 2.62 -4.06
C ASN A 65 -1.61 3.36 -5.41
N ASP A 66 -2.72 3.77 -6.00
CA ASP A 66 -2.65 4.66 -7.16
C ASP A 66 -2.27 6.09 -6.69
N ARG A 67 -1.99 6.96 -7.65
CA ARG A 67 -1.68 8.34 -7.35
C ARG A 67 -2.90 9.06 -6.82
N GLY A 68 -4.03 8.91 -7.52
CA GLY A 68 -5.28 9.55 -7.10
C GLY A 68 -5.24 11.06 -7.35
N THR A 69 -5.90 11.82 -6.50
CA THR A 69 -6.07 13.25 -6.72
C THR A 69 -5.33 14.14 -5.71
N ARG A 70 -4.68 13.53 -4.74
CA ARG A 70 -4.01 14.28 -3.66
C ARG A 70 -2.56 14.58 -4.04
N ARG A 71 -2.12 15.79 -3.70
CA ARG A 71 -0.87 16.36 -4.20
C ARG A 71 -0.29 17.34 -3.19
N VAL A 72 1.03 17.54 -3.23
CA VAL A 72 1.71 18.62 -2.51
C VAL A 72 2.48 19.35 -3.61
N VAL A 73 2.32 20.67 -3.72
CA VAL A 73 3.20 21.49 -4.55
C VAL A 73 4.17 22.24 -3.61
N THR A 74 5.43 22.31 -4.02
CA THR A 74 6.48 22.99 -3.25
C THR A 74 6.85 24.25 -4.04
N GLY A 75 7.30 25.29 -3.34
CA GLY A 75 7.85 26.45 -4.02
C GLY A 75 9.36 26.53 -3.92
N GLY A 76 9.94 27.48 -4.65
CA GLY A 76 11.40 27.67 -4.72
C GLY A 76 12.15 28.04 -3.44
N TYR A 77 11.43 28.47 -2.40
CA TYR A 77 12.04 28.65 -1.10
C TYR A 77 11.55 27.61 -0.07
N GLY A 78 10.96 26.52 -0.56
CA GLY A 78 10.43 25.47 0.31
C GLY A 78 9.03 25.72 0.86
N GLU A 79 8.30 26.70 0.35
CA GLU A 79 6.87 26.76 0.65
C GLU A 79 6.24 25.42 0.22
N GLN A 80 5.27 24.96 0.99
CA GLN A 80 4.57 23.74 0.66
C GLN A 80 3.06 24.01 0.64
N TYR A 81 2.39 23.43 -0.35
CA TYR A 81 0.97 23.61 -0.62
C TYR A 81 0.23 22.28 -0.73
N TRP A 82 -0.87 22.15 -0.02
CA TRP A 82 -1.72 20.97 -0.07
C TRP A 82 -2.93 21.10 -1.01
N SER A 83 -3.14 20.06 -1.84
CA SER A 83 -4.29 19.95 -2.72
C SER A 83 -4.92 18.53 -2.66
N PRO A 84 -6.08 18.38 -1.96
CA PRO A 84 -6.81 17.11 -1.93
C PRO A 84 -7.54 16.83 -3.27
N ASP A 85 -7.79 17.89 -4.03
CA ASP A 85 -8.67 17.88 -5.20
C ASP A 85 -7.96 18.11 -6.54
N HIS A 86 -6.83 17.45 -6.75
CA HIS A 86 -6.16 17.42 -8.07
C HIS A 86 -6.00 18.83 -8.66
N TYR A 87 -5.37 19.70 -7.86
CA TYR A 87 -5.02 21.07 -8.26
C TYR A 87 -6.20 22.04 -8.39
N ALA A 88 -7.38 21.63 -7.97
CA ALA A 88 -8.56 22.53 -8.03
C ALA A 88 -8.50 23.61 -6.96
N THR A 89 -8.00 23.26 -5.77
CA THR A 89 -7.72 24.25 -4.72
C THR A 89 -6.39 23.97 -4.03
N PHE A 90 -5.81 24.99 -3.40
CA PHE A 90 -4.60 24.89 -2.58
C PHE A 90 -4.72 25.49 -1.19
N GLN A 91 -4.07 24.84 -0.23
CA GLN A 91 -3.85 25.38 1.11
C GLN A 91 -2.34 25.45 1.42
N GLU A 92 -1.87 26.61 1.89
CA GLU A 92 -0.48 26.71 2.33
C GLU A 92 -0.28 25.92 3.60
N ILE A 93 0.73 25.06 3.59
CA ILE A 93 1.05 24.23 4.74
C ILE A 93 1.89 25.06 5.72
N ASP A 94 1.41 25.14 6.97
CA ASP A 94 2.18 25.79 8.04
C ASP A 94 2.93 24.71 8.83
N PRO A 95 4.24 24.60 8.61
CA PRO A 95 4.97 23.54 9.28
C PRO A 95 5.22 23.77 10.79
N ARG A 96 4.78 24.94 11.29
CA ARG A 96 4.97 25.37 12.67
C ARG A 96 3.86 24.87 13.63
N CYS A 97 2.77 24.35 13.07
CA CYS A 97 1.64 23.87 13.87
C CYS A 97 1.06 22.58 13.34
N ALA B 4 0.89 -35.41 -2.06
CA ALA B 4 2.27 -35.05 -2.51
C ALA B 4 2.37 -33.56 -2.84
N LEU B 5 3.27 -32.85 -2.14
CA LEU B 5 3.23 -31.40 -2.15
C LEU B 5 4.56 -30.74 -2.38
N ALA B 6 4.58 -29.70 -3.21
CA ALA B 6 5.82 -28.95 -3.41
C ALA B 6 6.23 -28.36 -2.08
N ASP B 7 7.50 -28.05 -1.95
CA ASP B 7 8.02 -27.42 -0.75
C ASP B 7 8.82 -26.16 -1.13
N VAL B 8 8.80 -25.15 -0.27
CA VAL B 8 9.57 -23.92 -0.51
C VAL B 8 10.17 -23.38 0.79
N CYS B 9 11.36 -22.78 0.68
CA CYS B 9 12.01 -22.13 1.83
C CYS B 9 11.36 -20.79 2.10
N ARG B 10 11.08 -20.52 3.37
CA ARG B 10 10.58 -19.22 3.78
C ARG B 10 11.37 -18.03 3.19
N THR B 11 12.70 -18.15 3.10
CA THR B 11 13.52 -17.03 2.60
C THR B 11 13.33 -16.78 1.11
N LYS B 12 12.75 -17.75 0.39
CA LYS B 12 12.53 -17.60 -1.04
C LYS B 12 11.10 -17.22 -1.38
N LEU B 13 10.28 -16.93 -0.36
CA LEU B 13 8.92 -16.45 -0.61
C LEU B 13 8.95 -14.94 -0.89
N PRO B 14 8.04 -14.46 -1.76
CA PRO B 14 7.97 -12.98 -1.96
C PRO B 14 7.87 -12.30 -0.62
N SER B 15 8.51 -11.14 -0.46
CA SER B 15 8.62 -10.50 0.87
C SER B 15 7.25 -10.26 1.55
N GLN B 16 6.21 -10.07 0.76
CA GLN B 16 4.82 -9.89 1.25
C GLN B 16 4.29 -11.14 1.93
N ALA B 17 4.62 -12.30 1.36
CA ALA B 17 4.30 -13.59 1.94
C ALA B 17 4.99 -13.72 3.30
N GLN B 18 6.24 -13.29 3.38
CA GLN B 18 6.93 -13.29 4.65
C GLN B 18 6.28 -12.29 5.64
N ASP B 19 5.85 -11.11 5.17
CA ASP B 19 5.05 -10.20 6.04
C ASP B 19 3.80 -10.88 6.62
N THR B 20 3.07 -11.61 5.75
CA THR B 20 1.85 -12.31 6.15
C THR B 20 2.15 -13.37 7.20
N LEU B 21 3.19 -14.16 6.95
CA LEU B 21 3.71 -15.09 7.98
C LEU B 21 4.05 -14.40 9.30
N ALA B 22 4.66 -13.22 9.24
CA ALA B 22 4.93 -12.47 10.47
C ALA B 22 3.64 -11.98 11.13
N LEU B 23 2.62 -11.67 10.33
CA LEU B 23 1.33 -11.25 10.92
C LEU B 23 0.68 -12.43 11.61
N ILE B 24 0.80 -13.61 11.01
CA ILE B 24 0.30 -14.86 11.60
C ILE B 24 0.96 -15.13 12.94
N ALA B 25 2.30 -15.09 12.99
CA ALA B 25 3.02 -15.34 14.25
C ALA B 25 2.67 -14.35 15.42
N LYS B 26 2.16 -13.17 15.08
CA LYS B 26 1.76 -12.17 16.08
C LYS B 26 0.27 -12.23 16.33
N ASN B 27 -0.41 -13.18 15.70
CA ASN B 27 -1.87 -13.13 15.53
C ASN B 27 -2.37 -11.72 15.22
N GLY B 28 -1.84 -11.15 14.15
CA GLY B 28 -2.40 -9.94 13.58
C GLY B 28 -1.91 -8.68 14.26
N PRO B 29 -2.65 -7.57 14.11
CA PRO B 29 -3.90 -7.38 13.35
C PRO B 29 -3.76 -7.70 11.86
N TYR B 30 -4.86 -8.13 11.24
CA TYR B 30 -4.82 -8.49 9.82
C TYR B 30 -5.43 -7.39 8.93
N PRO B 31 -4.99 -7.30 7.65
CA PRO B 31 -5.51 -6.22 6.77
C PRO B 31 -6.91 -6.46 6.28
N TYR B 32 -7.47 -7.63 6.55
CA TYR B 32 -8.77 -8.06 6.02
C TYR B 32 -9.56 -8.77 7.09
N ASN B 33 -10.89 -8.56 7.18
CA ASN B 33 -11.76 -9.37 8.08
C ASN B 33 -11.79 -10.78 7.55
N ARG B 34 -11.67 -10.93 6.23
CA ARG B 34 -11.59 -12.28 5.64
C ARG B 34 -10.34 -13.07 6.03
N ASP B 35 -9.32 -12.40 6.55
CA ASP B 35 -8.13 -13.10 7.10
C ASP B 35 -8.46 -14.03 8.27
N GLY B 36 -7.98 -15.26 8.20
CA GLY B 36 -8.27 -16.24 9.24
C GLY B 36 -9.58 -17.01 9.09
N VAL B 37 -10.35 -16.81 8.01
CA VAL B 37 -11.50 -17.69 7.78
C VAL B 37 -11.07 -19.08 7.35
N VAL B 38 -11.80 -20.09 7.83
CA VAL B 38 -11.63 -21.49 7.43
C VAL B 38 -11.40 -21.68 5.91
N PHE B 39 -10.34 -22.41 5.55
CA PHE B 39 -10.17 -22.91 4.19
C PHE B 39 -10.66 -24.38 4.19
N GLU B 40 -11.63 -24.68 3.34
CA GLU B 40 -12.33 -25.95 3.43
C GLU B 40 -11.63 -27.10 2.74
N ASN B 41 -10.57 -26.80 1.98
CA ASN B 41 -9.76 -27.85 1.31
C ASN B 41 -10.61 -28.81 0.49
N ARG B 42 -11.59 -28.27 -0.23
CA ARG B 42 -12.58 -29.09 -0.94
C ARG B 42 -11.92 -29.92 -2.05
N GLU B 43 -10.84 -29.40 -2.61
CA GLU B 43 -10.15 -30.07 -3.71
C GLU B 43 -9.18 -31.17 -3.25
N SER B 44 -9.06 -31.35 -1.93
CA SER B 44 -8.07 -32.27 -1.30
C SER B 44 -6.61 -32.01 -1.73
N ARG B 45 -6.29 -30.78 -2.10
CA ARG B 45 -4.92 -30.47 -2.51
C ARG B 45 -3.95 -30.38 -1.31
N LEU B 46 -4.50 -30.34 -0.10
CA LEU B 46 -3.70 -30.33 1.13
C LEU B 46 -4.11 -31.55 1.91
N PRO B 47 -3.24 -32.07 2.79
CA PRO B 47 -3.70 -33.24 3.58
C PRO B 47 -5.13 -33.09 4.08
N LYS B 48 -5.84 -34.22 4.12
CA LYS B 48 -7.26 -34.23 4.38
C LYS B 48 -7.48 -34.23 5.88
N LYS B 49 -8.23 -33.26 6.37
CA LYS B 49 -8.31 -33.06 7.82
C LYS B 49 -9.72 -32.74 8.24
N GLY B 50 -9.96 -32.74 9.56
CA GLY B 50 -11.26 -32.37 10.13
C GLY B 50 -11.60 -30.92 9.83
N ASN B 51 -12.89 -30.57 9.87
CA ASN B 51 -13.28 -29.20 9.50
C ASN B 51 -12.68 -28.17 10.46
N GLY B 52 -12.24 -27.03 9.93
CA GLY B 52 -11.59 -26.04 10.79
C GLY B 52 -10.09 -26.21 11.01
N TYR B 53 -9.49 -27.27 10.45
CA TYR B 53 -8.02 -27.42 10.50
C TYR B 53 -7.30 -26.27 9.79
N TYR B 54 -7.72 -25.97 8.56
CA TYR B 54 -7.05 -24.99 7.71
C TYR B 54 -7.69 -23.60 7.80
N HIS B 55 -6.85 -22.56 7.81
CA HIS B 55 -7.34 -21.16 7.78
C HIS B 55 -6.57 -20.40 6.74
N GLU B 56 -7.23 -19.49 6.03
CA GLU B 56 -6.55 -18.70 5.00
C GLU B 56 -6.22 -17.26 5.42
N PHE B 57 -5.16 -16.74 4.82
CA PHE B 57 -4.66 -15.41 5.10
C PHE B 57 -4.25 -14.77 3.77
N THR B 58 -4.43 -13.46 3.65
CA THR B 58 -4.10 -12.75 2.41
C THR B 58 -2.61 -12.52 2.31
N VAL B 59 -2.05 -12.76 1.13
CA VAL B 59 -0.77 -12.14 0.78
C VAL B 59 -1.02 -10.94 -0.16
N VAL B 60 -0.46 -9.81 0.22
CA VAL B 60 -0.61 -8.62 -0.60
C VAL B 60 0.13 -8.78 -1.95
N THR B 61 -0.50 -8.29 -3.01
CA THR B 61 0.09 -8.22 -4.34
C THR B 61 0.98 -6.99 -4.28
N PRO B 62 2.19 -7.08 -4.83
CA PRO B 62 3.09 -5.92 -4.83
C PRO B 62 2.50 -4.68 -5.51
N GLY B 63 2.47 -3.57 -4.77
CA GLY B 63 2.02 -2.32 -5.33
C GLY B 63 0.57 -2.29 -5.76
N SER B 64 -0.26 -3.04 -5.07
CA SER B 64 -1.70 -2.77 -5.01
C SER B 64 -2.06 -3.16 -3.57
N ASN B 65 -2.96 -2.41 -2.96
CA ASN B 65 -3.15 -2.60 -1.53
C ASN B 65 -4.03 -3.81 -1.16
N ASP B 66 -4.74 -4.36 -2.15
CA ASP B 66 -5.79 -5.37 -1.91
C ASP B 66 -5.46 -6.87 -2.04
N ARG B 67 -6.51 -7.70 -1.92
CA ARG B 67 -6.38 -9.15 -1.72
C ARG B 67 -5.62 -9.86 -2.82
N GLY B 68 -6.13 -9.77 -4.05
CA GLY B 68 -5.52 -10.45 -5.20
C GLY B 68 -5.68 -11.95 -5.13
N THR B 69 -4.67 -12.69 -5.59
CA THR B 69 -4.75 -14.16 -5.70
C THR B 69 -3.78 -14.94 -4.79
N ARG B 70 -2.92 -14.21 -4.07
CA ARG B 70 -1.87 -14.79 -3.21
C ARG B 70 -2.36 -15.01 -1.77
N ARG B 71 -1.94 -16.12 -1.16
CA ARG B 71 -2.57 -16.65 0.06
C ARG B 71 -1.62 -17.51 0.88
N VAL B 72 -1.80 -17.51 2.19
CA VAL B 72 -1.12 -18.48 3.04
C VAL B 72 -2.23 -19.17 3.77
N VAL B 73 -2.19 -20.51 3.73
CA VAL B 73 -3.05 -21.37 4.52
C VAL B 73 -2.20 -22.00 5.65
N THR B 74 -2.72 -21.96 6.88
CA THR B 74 -2.06 -22.52 8.05
C THR B 74 -2.81 -23.79 8.40
N GLY B 75 -2.13 -24.73 9.05
CA GLY B 75 -2.84 -25.89 9.60
C GLY B 75 -2.85 -25.87 11.10
N GLY B 76 -3.62 -26.79 11.67
CA GLY B 76 -3.82 -26.94 13.11
C GLY B 76 -2.62 -27.11 14.00
N TYR B 77 -1.48 -27.54 13.44
CA TYR B 77 -0.25 -27.65 14.19
C TYR B 77 0.79 -26.59 13.83
N GLY B 78 0.35 -25.55 13.13
CA GLY B 78 1.26 -24.47 12.73
C GLY B 78 1.97 -24.69 11.40
N GLU B 79 1.52 -25.67 10.58
CA GLU B 79 2.10 -25.85 9.24
C GLU B 79 1.62 -24.65 8.40
N GLN B 80 2.43 -24.28 7.44
CA GLN B 80 2.12 -23.14 6.59
C GLN B 80 2.29 -23.55 5.13
N TYR B 81 1.31 -23.17 4.31
CA TYR B 81 1.27 -23.43 2.87
C TYR B 81 1.14 -22.15 2.07
N TRP B 82 1.87 -22.06 0.96
CA TRP B 82 1.79 -20.93 0.05
C TRP B 82 1.03 -21.25 -1.27
N SER B 83 0.14 -20.33 -1.69
CA SER B 83 -0.56 -20.41 -2.99
C SER B 83 -0.48 -19.07 -3.73
N PRO B 84 0.32 -18.97 -4.82
CA PRO B 84 0.43 -17.71 -5.58
C PRO B 84 -0.79 -17.50 -6.49
N ASP B 85 -1.62 -18.54 -6.62
CA ASP B 85 -2.62 -18.69 -7.69
C ASP B 85 -4.02 -19.05 -7.17
N HIS B 86 -4.47 -18.40 -6.10
CA HIS B 86 -5.83 -18.56 -5.58
C HIS B 86 -6.24 -20.02 -5.39
N TYR B 87 -5.42 -20.76 -4.65
CA TYR B 87 -5.74 -22.13 -4.19
C TYR B 87 -5.74 -23.18 -5.31
N ALA B 88 -5.15 -22.83 -6.45
CA ALA B 88 -4.99 -23.78 -7.55
C ALA B 88 -3.82 -24.72 -7.24
N THR B 89 -2.75 -24.17 -6.69
CA THR B 89 -1.63 -24.99 -6.17
C THR B 89 -1.21 -24.59 -4.75
N PHE B 90 -0.56 -25.51 -4.06
CA PHE B 90 0.03 -25.26 -2.75
C PHE B 90 1.46 -25.76 -2.65
N GLN B 91 2.27 -25.05 -1.87
CA GLN B 91 3.57 -25.54 -1.47
C GLN B 91 3.83 -25.33 0.03
N GLU B 92 4.30 -26.39 0.68
CA GLU B 92 4.63 -26.33 2.10
C GLU B 92 5.77 -25.38 2.31
N ILE B 93 5.57 -24.46 3.24
CA ILE B 93 6.60 -23.50 3.61
C ILE B 93 7.50 -24.21 4.64
N ASP B 94 8.79 -24.23 4.34
CA ASP B 94 9.78 -24.74 5.27
C ASP B 94 10.40 -23.52 5.92
N PRO B 95 10.07 -23.28 7.21
CA PRO B 95 10.55 -22.09 7.90
C PRO B 95 12.01 -22.22 8.38
N ARG B 96 12.63 -23.37 8.12
CA ARG B 96 13.99 -23.67 8.56
C ARG B 96 15.04 -23.21 7.54
N CYS B 97 14.57 -22.82 6.35
CA CYS B 97 15.44 -22.36 5.28
C CYS B 97 14.92 -21.10 4.60
N ASP C 2 -32.26 -1.98 24.84
CA ASP C 2 -31.14 -1.65 23.89
C ASP C 2 -31.06 -2.65 22.75
N PRO C 3 -30.82 -2.16 21.50
CA PRO C 3 -30.85 -2.99 20.29
C PRO C 3 -29.75 -4.06 20.25
N ALA C 4 -30.04 -5.19 19.62
CA ALA C 4 -29.10 -6.32 19.53
C ALA C 4 -27.91 -6.00 18.68
N LEU C 5 -26.74 -5.94 19.32
CA LEU C 5 -25.50 -5.66 18.63
C LEU C 5 -24.57 -6.84 18.84
N ALA C 6 -24.00 -7.36 17.74
CA ALA C 6 -22.96 -8.39 17.81
C ALA C 6 -21.70 -7.85 18.48
N ASP C 7 -20.95 -8.68 19.19
CA ASP C 7 -19.75 -8.28 19.94
CA ASP C 7 -19.75 -8.18 19.85
C ASP C 7 -18.48 -8.60 19.15
N VAL C 8 -17.48 -7.73 19.24
CA VAL C 8 -16.21 -7.98 18.61
C VAL C 8 -15.13 -7.43 19.53
N CYS C 9 -14.13 -8.28 19.79
CA CYS C 9 -12.95 -7.85 20.49
C CYS C 9 -12.17 -6.88 19.63
N ARG C 10 -11.74 -5.77 20.24
CA ARG C 10 -10.93 -4.73 19.58
C ARG C 10 -9.76 -5.34 18.77
N THR C 11 -9.02 -6.26 19.38
CA THR C 11 -7.86 -6.91 18.75
C THR C 11 -8.22 -7.84 17.58
N LYS C 12 -9.51 -8.12 17.42
CA LYS C 12 -9.96 -8.94 16.32
C LYS C 12 -10.43 -8.10 15.11
N LEU C 13 -10.43 -6.77 15.29
CA LEU C 13 -10.76 -5.85 14.19
C LEU C 13 -9.69 -5.89 13.11
N PRO C 14 -10.06 -5.70 11.82
CA PRO C 14 -9.00 -5.50 10.81
C PRO C 14 -8.09 -4.34 11.21
N SER C 15 -6.89 -4.29 10.65
CA SER C 15 -5.86 -3.41 11.20
C SER C 15 -6.18 -1.94 11.03
N GLN C 16 -6.87 -1.62 9.94
CA GLN C 16 -7.27 -0.27 9.59
C GLN C 16 -8.33 0.26 10.54
N ALA C 17 -9.20 -0.64 11.03
CA ALA C 17 -10.17 -0.29 12.06
C ALA C 17 -9.47 0.09 13.37
N GLN C 18 -8.49 -0.73 13.76
CA GLN C 18 -7.71 -0.47 14.96
C GLN C 18 -6.83 0.79 14.82
N ASP C 19 -6.30 1.03 13.61
CA ASP C 19 -5.63 2.29 13.21
C ASP C 19 -6.54 3.49 13.42
N THR C 20 -7.76 3.42 12.90
CA THR C 20 -8.71 4.50 13.10
C THR C 20 -8.96 4.76 14.60
N LEU C 21 -9.08 3.69 15.39
CA LEU C 21 -9.28 3.82 16.83
C LEU C 21 -8.16 4.63 17.46
N ALA C 22 -6.92 4.37 17.04
CA ALA C 22 -5.77 5.13 17.53
C ALA C 22 -5.76 6.58 17.04
N LEU C 23 -6.24 6.82 15.82
CA LEU C 23 -6.37 8.19 15.33
C LEU C 23 -7.41 8.97 16.16
N ILE C 24 -8.52 8.30 16.50
CA ILE C 24 -9.59 8.88 17.30
C ILE C 24 -9.02 9.24 18.66
N ALA C 25 -8.18 8.34 19.18
CA ALA C 25 -7.58 8.52 20.52
C ALA C 25 -6.61 9.70 20.58
N LYS C 26 -5.79 9.85 19.54
CA LYS C 26 -4.84 10.95 19.34
C LYS C 26 -5.52 12.23 18.88
N ASN C 27 -6.80 12.15 18.51
CA ASN C 27 -7.53 13.27 17.90
C ASN C 27 -6.99 13.65 16.50
N GLY C 28 -6.65 12.66 15.68
CA GLY C 28 -6.14 12.92 14.36
C GLY C 28 -4.68 12.50 14.22
N PRO C 29 -4.08 12.73 13.02
CA PRO C 29 -4.75 13.35 11.87
C PRO C 29 -5.63 12.37 11.15
N TYR C 30 -6.70 12.85 10.52
CA TYR C 30 -7.64 12.00 9.78
C TYR C 30 -7.45 12.03 8.25
N PRO C 31 -7.55 10.87 7.58
CA PRO C 31 -7.39 10.80 6.11
C PRO C 31 -8.44 11.55 5.28
N TYR C 32 -9.63 11.72 5.86
CA TYR C 32 -10.71 12.43 5.18
C TYR C 32 -11.26 13.61 5.96
N ASN C 33 -11.82 14.57 5.23
CA ASN C 33 -12.35 15.82 5.80
C ASN C 33 -13.71 15.60 6.47
N ARG C 34 -14.40 14.54 6.07
CA ARG C 34 -15.66 14.13 6.70
C ARG C 34 -15.46 13.42 8.04
N ASP C 35 -14.24 12.94 8.29
CA ASP C 35 -13.98 12.18 9.50
C ASP C 35 -14.25 13.04 10.71
N GLY C 36 -15.09 12.53 11.61
CA GLY C 36 -15.38 13.18 12.85
C GLY C 36 -16.69 13.93 12.87
N VAL C 37 -17.43 13.88 11.76
CA VAL C 37 -18.71 14.59 11.67
C VAL C 37 -19.80 13.77 12.34
N VAL C 38 -20.84 14.44 12.83
CA VAL C 38 -21.92 13.78 13.56
C VAL C 38 -22.49 12.62 12.75
N PHE C 39 -22.75 11.50 13.43
CA PHE C 39 -23.53 10.39 12.87
C PHE C 39 -24.96 10.51 13.45
N GLU C 40 -25.95 10.69 12.57
CA GLU C 40 -27.31 11.08 13.01
C GLU C 40 -28.12 9.96 13.63
N ASN C 41 -27.84 8.71 13.26
CA ASN C 41 -28.47 7.54 13.89
C ASN C 41 -29.99 7.49 13.61
N ARG C 42 -30.39 7.96 12.42
CA ARG C 42 -31.82 8.01 12.02
C ARG C 42 -32.44 6.62 11.94
N GLU C 43 -31.73 5.68 11.33
CA GLU C 43 -32.19 4.29 11.23
C GLU C 43 -32.07 3.61 12.59
N SER C 44 -31.35 4.26 13.50
CA SER C 44 -31.27 3.90 14.92
C SER C 44 -30.84 2.44 15.21
N ARG C 45 -29.70 2.04 14.64
CA ARG C 45 -29.18 0.70 14.91
C ARG C 45 -28.36 0.79 16.19
N LEU C 46 -28.12 2.03 16.62
CA LEU C 46 -27.38 2.30 17.85
C LEU C 46 -28.36 2.82 18.89
N PRO C 47 -28.03 2.62 20.19
CA PRO C 47 -28.94 3.06 21.25
C PRO C 47 -29.44 4.47 20.96
N LYS C 48 -30.73 4.69 21.16
CA LYS C 48 -31.31 6.02 21.01
C LYS C 48 -30.66 7.00 21.97
N LYS C 49 -30.04 8.03 21.42
CA LYS C 49 -29.40 9.06 22.22
C LYS C 49 -29.80 10.44 21.72
N GLY C 50 -29.23 11.49 22.31
CA GLY C 50 -29.58 12.85 21.95
C GLY C 50 -28.74 13.40 20.82
N ASN C 51 -28.97 14.68 20.55
CA ASN C 51 -28.28 15.42 19.50
C ASN C 51 -26.76 15.45 19.66
N GLY C 52 -26.05 14.92 18.66
CA GLY C 52 -24.58 15.00 18.61
C GLY C 52 -23.82 14.01 19.49
N TYR C 53 -24.52 13.00 20.00
CA TYR C 53 -23.88 11.93 20.80
C TYR C 53 -22.88 11.11 20.00
N TYR C 54 -23.25 10.80 18.75
CA TYR C 54 -22.46 9.95 17.86
C TYR C 54 -21.69 10.74 16.81
N HIS C 55 -20.51 10.22 16.48
CA HIS C 55 -19.64 10.79 15.46
C HIS C 55 -19.05 9.67 14.65
N GLU C 56 -18.74 9.94 13.38
CA GLU C 56 -18.26 8.89 12.46
C GLU C 56 -16.90 9.13 11.87
N PHE C 57 -16.15 8.04 11.73
CA PHE C 57 -14.78 8.07 11.23
C PHE C 57 -14.61 7.04 10.15
N THR C 58 -13.86 7.40 9.11
CA THR C 58 -13.54 6.43 8.09
C THR C 58 -12.65 5.33 8.65
N VAL C 59 -12.99 4.11 8.29
CA VAL C 59 -12.03 3.02 8.35
C VAL C 59 -11.59 2.73 6.90
N VAL C 60 -10.27 2.84 6.65
CA VAL C 60 -9.70 2.46 5.35
C VAL C 60 -9.96 1.00 4.89
N THR C 61 -10.49 0.86 3.68
CA THR C 61 -10.51 -0.41 2.94
C THR C 61 -9.30 -0.51 2.03
N PRO C 62 -8.52 -1.60 2.16
CA PRO C 62 -7.28 -1.80 1.37
C PRO C 62 -7.40 -1.63 -0.16
N GLY C 63 -8.49 -2.07 -0.78
CA GLY C 63 -8.55 -1.84 -2.23
C GLY C 63 -8.81 -0.40 -2.66
N SER C 64 -9.45 0.33 -1.77
CA SER C 64 -10.29 1.46 -2.13
C SER C 64 -9.52 2.75 -2.42
N ASN C 65 -9.93 3.46 -3.45
CA ASN C 65 -9.47 4.84 -3.63
C ASN C 65 -10.57 5.86 -3.32
N ASP C 66 -11.70 5.36 -2.81
CA ASP C 66 -12.73 6.16 -2.15
C ASP C 66 -12.80 5.74 -0.68
N ARG C 67 -13.46 6.54 0.13
CA ARG C 67 -13.66 6.25 1.54
C ARG C 67 -14.08 4.82 1.85
N GLY C 68 -14.82 4.22 0.92
CA GLY C 68 -15.34 2.88 1.12
C GLY C 68 -16.51 2.86 2.08
N THR C 69 -16.89 1.65 2.51
CA THR C 69 -18.01 1.40 3.41
C THR C 69 -17.68 1.25 4.91
N ARG C 70 -16.46 0.86 5.28
CA ARG C 70 -16.10 0.67 6.70
C ARG C 70 -16.04 1.99 7.54
N ARG C 71 -16.72 1.99 8.69
CA ARG C 71 -16.70 3.12 9.61
C ARG C 71 -16.51 2.69 11.05
N VAL C 72 -16.03 3.61 11.87
CA VAL C 72 -16.09 3.48 13.31
C VAL C 72 -17.04 4.58 13.75
N VAL C 73 -17.95 4.25 14.66
CA VAL C 73 -18.78 5.27 15.30
C VAL C 73 -18.51 5.32 16.81
N THR C 74 -18.27 6.52 17.33
CA THR C 74 -17.94 6.68 18.74
C THR C 74 -19.15 7.27 19.40
N GLY C 75 -19.28 7.08 20.72
CA GLY C 75 -20.35 7.68 21.51
C GLY C 75 -19.81 8.67 22.53
N GLY C 76 -20.73 9.41 23.14
CA GLY C 76 -20.43 10.51 24.04
C GLY C 76 -19.62 10.13 25.27
N TYR C 77 -19.57 8.84 25.59
CA TYR C 77 -18.79 8.37 26.73
C TYR C 77 -17.68 7.41 26.30
N GLY C 78 -17.36 7.41 25.00
CA GLY C 78 -16.28 6.58 24.43
C GLY C 78 -16.71 5.16 24.08
N GLU C 79 -18.01 4.95 23.90
CA GLU C 79 -18.51 3.79 23.20
C GLU C 79 -17.88 3.76 21.82
N GLN C 80 -17.55 2.58 21.35
CA GLN C 80 -16.93 2.40 20.05
C GLN C 80 -17.75 1.35 19.33
N TYR C 81 -18.17 1.66 18.11
CA TYR C 81 -18.92 0.72 17.28
C TYR C 81 -18.25 0.57 15.92
N TRP C 82 -18.23 -0.65 15.41
CA TRP C 82 -17.66 -0.94 14.12
C TRP C 82 -18.77 -1.23 13.09
N SER C 83 -18.68 -0.69 11.88
CA SER C 83 -19.56 -1.09 10.78
C SER C 83 -18.77 -1.41 9.50
N PRO C 84 -18.82 -2.69 9.02
CA PRO C 84 -18.12 -2.99 7.75
C PRO C 84 -18.89 -2.66 6.46
N ASP C 85 -20.13 -2.19 6.60
CA ASP C 85 -21.07 -2.12 5.46
C ASP C 85 -21.90 -0.83 5.44
N HIS C 86 -21.23 0.31 5.67
CA HIS C 86 -21.85 1.64 5.59
C HIS C 86 -23.19 1.69 6.34
N TYR C 87 -23.14 1.30 7.62
CA TYR C 87 -24.27 1.33 8.56
C TYR C 87 -25.43 0.39 8.25
N ALA C 88 -25.17 -0.77 7.66
CA ALA C 88 -26.21 -1.82 7.59
C ALA C 88 -26.23 -2.60 8.89
N THR C 89 -25.04 -2.86 9.45
CA THR C 89 -24.90 -3.45 10.77
C THR C 89 -23.85 -2.68 11.57
N PHE C 90 -23.97 -2.75 12.88
CA PHE C 90 -22.93 -2.28 13.78
C PHE C 90 -22.51 -3.46 14.61
N GLN C 91 -21.23 -3.53 14.89
CA GLN C 91 -20.77 -4.44 15.91
C GLN C 91 -20.27 -3.60 17.04
N GLU C 92 -20.56 -4.05 18.25
CA GLU C 92 -20.12 -3.32 19.41
C GLU C 92 -18.73 -3.74 19.79
N ILE C 93 -17.86 -2.76 20.00
CA ILE C 93 -16.44 -3.06 20.25
C ILE C 93 -16.21 -3.24 21.73
N ASP C 94 -15.59 -4.37 22.07
CA ASP C 94 -15.16 -4.69 23.40
C ASP C 94 -13.68 -4.32 23.49
N PRO C 95 -13.39 -3.22 24.20
CA PRO C 95 -12.05 -2.68 24.20
C PRO C 95 -11.13 -3.47 25.12
N ARG C 96 -11.64 -4.56 25.68
CA ARG C 96 -10.89 -5.30 26.68
C ARG C 96 -10.22 -6.56 26.14
N CYS C 97 -10.55 -6.92 24.90
CA CYS C 97 -10.02 -8.14 24.32
C CYS C 97 -9.63 -7.98 22.84
N ASP D 2 28.71 1.87 -29.16
CA ASP D 2 27.53 1.43 -28.36
C ASP D 2 26.28 2.30 -28.61
N PRO D 3 25.08 1.71 -28.43
CA PRO D 3 23.83 2.44 -28.64
C PRO D 3 23.53 3.47 -27.57
N ALA D 4 22.96 4.60 -28.02
CA ALA D 4 22.58 5.73 -27.18
C ALA D 4 21.50 5.39 -26.15
N LEU D 5 21.84 5.61 -24.88
CA LEU D 5 20.91 5.45 -23.78
C LEU D 5 21.00 6.65 -22.86
N ALA D 6 19.83 7.12 -22.44
CA ALA D 6 19.68 8.21 -21.48
C ALA D 6 20.28 7.83 -20.13
N ASP D 7 20.71 8.81 -19.37
CA ASP D 7 21.40 8.57 -18.10
C ASP D 7 20.56 8.92 -16.91
N VAL D 8 20.55 8.05 -15.92
CA VAL D 8 19.83 8.36 -14.73
C VAL D 8 20.64 7.94 -13.51
N CYS D 9 20.78 8.88 -12.58
CA CYS D 9 21.35 8.59 -11.28
C CYS D 9 20.46 7.60 -10.56
N ARG D 10 21.09 6.62 -9.91
CA ARG D 10 20.40 5.61 -9.08
C ARG D 10 19.49 6.23 -8.01
N THR D 11 19.98 7.26 -7.29
CA THR D 11 19.15 7.93 -6.27
C THR D 11 17.92 8.67 -6.85
N LYS D 12 17.88 8.84 -8.16
CA LYS D 12 16.77 9.55 -8.80
C LYS D 12 15.70 8.58 -9.35
N LEU D 13 15.98 7.29 -9.30
CA LEU D 13 15.02 6.24 -9.68
C LEU D 13 13.88 6.23 -8.70
N PRO D 14 12.63 5.93 -9.16
CA PRO D 14 11.57 5.72 -8.16
C PRO D 14 11.99 4.68 -7.13
N SER D 15 11.35 4.75 -5.98
CA SER D 15 11.73 3.97 -4.81
C SER D 15 11.66 2.47 -5.08
N GLN D 16 10.65 2.07 -5.84
CA GLN D 16 10.44 0.66 -6.20
C GLN D 16 11.61 0.15 -7.01
N ALA D 17 12.06 0.98 -7.97
CA ALA D 17 13.27 0.70 -8.75
C ALA D 17 14.52 0.49 -7.86
N GLN D 18 14.73 1.39 -6.91
CA GLN D 18 15.80 1.24 -5.93
C GLN D 18 15.63 0.02 -5.01
N ASP D 19 14.40 -0.26 -4.56
CA ASP D 19 14.02 -1.54 -3.93
C ASP D 19 14.46 -2.76 -4.76
N THR D 20 14.07 -2.78 -6.03
CA THR D 20 14.45 -3.89 -6.90
C THR D 20 15.98 -4.03 -6.97
N LEU D 21 16.68 -2.90 -6.99
CA LEU D 21 18.14 -2.92 -7.06
C LEU D 21 18.72 -3.59 -5.84
N ALA D 22 18.13 -3.29 -4.67
CA ALA D 22 18.54 -3.87 -3.40
C ALA D 22 18.24 -5.37 -3.32
N LEU D 23 17.11 -5.77 -3.90
CA LEU D 23 16.73 -7.18 -3.90
C LEU D 23 17.74 -7.97 -4.73
N ILE D 24 18.12 -7.43 -5.90
CA ILE D 24 19.07 -8.07 -6.82
C ILE D 24 20.36 -8.25 -6.06
N ALA D 25 20.77 -7.20 -5.33
CA ALA D 25 22.05 -7.23 -4.58
C ALA D 25 22.07 -8.30 -3.46
N LYS D 26 20.90 -8.67 -2.96
CA LYS D 26 20.76 -9.70 -1.93
C LYS D 26 20.40 -11.04 -2.57
N ASN D 27 20.25 -11.06 -3.89
CA ASN D 27 19.78 -12.27 -4.59
C ASN D 27 18.37 -12.65 -4.10
N GLY D 28 17.50 -11.66 -3.93
CA GLY D 28 16.14 -11.91 -3.47
C GLY D 28 15.81 -11.46 -2.05
N PRO D 29 14.58 -11.75 -1.58
CA PRO D 29 13.54 -12.54 -2.26
C PRO D 29 12.79 -11.72 -3.31
N TYR D 30 12.25 -12.36 -4.35
CA TYR D 30 11.56 -11.63 -5.46
C TYR D 30 10.04 -11.82 -5.54
N PRO D 31 9.30 -10.72 -5.81
CA PRO D 31 7.82 -10.82 -5.81
C PRO D 31 7.18 -11.71 -6.88
N TYR D 32 7.91 -11.98 -7.96
CA TYR D 32 7.41 -12.83 -9.05
C TYR D 32 8.35 -13.98 -9.43
N ASN D 33 7.78 -15.05 -9.94
CA ASN D 33 8.54 -16.23 -10.39
C ASN D 33 9.48 -15.96 -11.57
N ARG D 34 9.06 -15.05 -12.46
CA ARG D 34 9.82 -14.66 -13.65
C ARG D 34 11.04 -13.82 -13.31
N ASP D 35 11.10 -13.26 -12.11
CA ASP D 35 12.19 -12.38 -11.71
C ASP D 35 13.52 -13.10 -11.76
N GLY D 36 14.42 -12.61 -12.61
CA GLY D 36 15.74 -13.16 -12.70
C GLY D 36 15.94 -14.04 -13.91
N VAL D 37 14.96 -14.11 -14.79
CA VAL D 37 15.14 -14.91 -16.00
C VAL D 37 15.86 -14.11 -17.07
N VAL D 38 16.53 -14.85 -17.97
CA VAL D 38 17.27 -14.27 -19.06
C VAL D 38 16.39 -13.31 -19.86
N PHE D 39 16.99 -12.16 -20.20
CA PHE D 39 16.43 -11.20 -21.12
C PHE D 39 17.29 -11.27 -22.39
N GLU D 40 16.67 -11.59 -23.52
CA GLU D 40 17.41 -11.98 -24.73
C GLU D 40 18.09 -10.82 -25.47
N ASN D 41 17.48 -9.63 -25.41
CA ASN D 41 17.99 -8.43 -26.10
C ASN D 41 17.79 -8.51 -27.63
N ARG D 42 16.69 -9.15 -28.06
CA ARG D 42 16.35 -9.29 -29.50
C ARG D 42 16.24 -7.94 -30.20
N GLU D 43 15.28 -7.12 -29.79
CA GLU D 43 15.03 -5.81 -30.38
C GLU D 43 16.24 -4.90 -30.15
N SER D 44 17.14 -5.35 -29.26
CA SER D 44 18.51 -4.83 -29.06
C SER D 44 18.73 -3.34 -28.84
N ARG D 45 18.11 -2.77 -27.82
CA ARG D 45 18.41 -1.39 -27.41
C ARG D 45 19.45 -1.42 -26.29
N LEU D 46 20.03 -2.60 -26.03
CA LEU D 46 21.18 -2.72 -25.14
C LEU D 46 22.40 -3.24 -25.88
N PRO D 47 23.62 -2.95 -25.38
CA PRO D 47 24.87 -3.42 -26.00
C PRO D 47 24.81 -4.90 -26.36
N LYS D 48 25.23 -5.26 -27.58
CA LYS D 48 25.23 -6.68 -27.98
C LYS D 48 26.22 -7.50 -27.16
N LYS D 49 25.71 -8.60 -26.62
CA LYS D 49 26.49 -9.50 -25.77
C LYS D 49 26.06 -10.93 -26.09
N GLY D 50 26.77 -11.91 -25.54
CA GLY D 50 26.46 -13.31 -25.82
C GLY D 50 25.25 -13.83 -25.05
N ASN D 51 24.96 -15.12 -25.27
CA ASN D 51 23.96 -15.92 -24.54
C ASN D 51 23.91 -15.69 -23.01
N GLY D 52 22.80 -15.17 -22.52
CA GLY D 52 22.57 -15.14 -21.07
C GLY D 52 23.30 -14.03 -20.30
N TYR D 53 23.82 -13.04 -21.01
CA TYR D 53 24.45 -11.88 -20.36
C TYR D 53 23.46 -11.06 -19.53
N TYR D 54 22.24 -10.86 -20.06
CA TYR D 54 21.21 -10.04 -19.42
C TYR D 54 20.13 -10.88 -18.72
N HIS D 55 19.68 -10.35 -17.59
CA HIS D 55 18.58 -10.89 -16.83
C HIS D 55 17.67 -9.74 -16.43
N GLU D 56 16.40 -10.04 -16.18
CA GLU D 56 15.38 -9.02 -15.98
C GLU D 56 14.63 -9.21 -14.70
N PHE D 57 14.26 -8.11 -14.09
CA PHE D 57 13.52 -8.14 -12.84
C PHE D 57 12.40 -7.14 -12.87
N THR D 58 11.29 -7.51 -12.27
CA THR D 58 10.17 -6.62 -12.10
C THR D 58 10.56 -5.41 -11.27
N VAL D 59 10.20 -4.23 -11.75
CA VAL D 59 10.00 -3.09 -10.86
C VAL D 59 8.48 -2.91 -10.65
N VAL D 60 8.08 -2.89 -9.37
CA VAL D 60 6.68 -2.65 -8.95
C VAL D 60 6.16 -1.26 -9.34
N THR D 61 5.00 -1.24 -10.03
CA THR D 61 4.22 -0.01 -10.25
C THR D 61 3.21 0.12 -9.11
N PRO D 62 3.13 1.31 -8.48
CA PRO D 62 2.21 1.44 -7.34
C PRO D 62 0.73 1.20 -7.71
N GLY D 63 0.37 1.50 -8.95
CA GLY D 63 -0.94 1.05 -9.44
C GLY D 63 -1.18 -0.47 -9.39
N SER D 64 -0.48 -1.21 -10.25
CA SER D 64 -1.00 -2.48 -10.75
C SER D 64 -1.06 -3.69 -9.80
N ASN D 65 -1.99 -4.58 -10.08
CA ASN D 65 -2.03 -5.90 -9.46
C ASN D 65 -1.53 -6.99 -10.43
N ASP D 66 -0.84 -6.53 -11.47
CA ASP D 66 -0.03 -7.37 -12.34
C ASP D 66 1.39 -6.81 -12.29
N ARG D 67 2.33 -7.46 -12.96
CA ARG D 67 3.72 -7.03 -12.94
C ARG D 67 3.98 -5.58 -13.38
N GLY D 68 3.04 -5.01 -14.13
CA GLY D 68 3.24 -3.71 -14.76
C GLY D 68 4.29 -3.74 -15.86
N THR D 69 4.77 -2.56 -16.25
CA THR D 69 5.72 -2.42 -17.36
C THR D 69 7.18 -2.17 -16.94
N ARG D 70 7.38 -1.67 -15.71
CA ARG D 70 8.70 -1.29 -15.23
C ARG D 70 9.63 -2.50 -14.99
N ARG D 71 10.88 -2.36 -15.41
CA ARG D 71 11.89 -3.42 -15.28
C ARG D 71 13.26 -2.90 -14.95
N VAL D 72 14.02 -3.73 -14.26
CA VAL D 72 15.46 -3.58 -14.20
C VAL D 72 16.09 -4.72 -14.99
N VAL D 73 17.01 -4.36 -15.88
CA VAL D 73 17.83 -5.35 -16.56
C VAL D 73 19.26 -5.16 -16.10
N THR D 74 19.89 -6.29 -15.72
CA THR D 74 21.30 -6.27 -15.28
C THR D 74 22.17 -6.99 -16.30
N GLY D 75 23.48 -6.70 -16.26
CA GLY D 75 24.46 -7.32 -17.16
C GLY D 75 25.42 -8.20 -16.39
N GLY D 76 26.35 -8.81 -17.13
CA GLY D 76 27.26 -9.82 -16.63
C GLY D 76 28.36 -9.30 -15.75
N TYR D 77 28.58 -7.98 -15.76
CA TYR D 77 29.57 -7.38 -14.89
C TYR D 77 28.93 -6.36 -13.96
N GLY D 78 27.59 -6.38 -13.90
CA GLY D 78 26.85 -5.54 -12.95
C GLY D 78 26.35 -4.23 -13.51
N GLU D 79 26.36 -4.09 -14.84
CA GLU D 79 25.61 -3.05 -15.53
C GLU D 79 24.15 -3.11 -15.02
N GLN D 80 23.55 -1.95 -14.81
CA GLN D 80 22.14 -1.90 -14.44
C GLN D 80 21.44 -0.99 -15.43
N TYR D 81 20.33 -1.44 -15.98
CA TYR D 81 19.53 -0.62 -16.89
C TYR D 81 18.09 -0.58 -16.42
N TRP D 82 17.50 0.61 -16.52
CA TRP D 82 16.12 0.82 -16.20
C TRP D 82 15.24 0.94 -17.47
N SER D 83 14.11 0.22 -17.49
CA SER D 83 13.06 0.42 -18.51
C SER D 83 11.72 0.71 -17.85
N PRO D 84 11.18 1.94 -18.02
CA PRO D 84 9.83 2.25 -17.51
C PRO D 84 8.68 1.74 -18.35
N ASP D 85 8.98 1.11 -19.48
CA ASP D 85 7.96 0.89 -20.52
C ASP D 85 8.11 -0.42 -21.28
N HIS D 86 8.15 -1.52 -20.53
CA HIS D 86 8.30 -2.87 -21.07
C HIS D 86 9.30 -2.98 -22.23
N TYR D 87 10.47 -2.40 -22.01
CA TYR D 87 11.65 -2.56 -22.87
C TYR D 87 11.64 -1.73 -24.16
N ALA D 88 10.75 -0.75 -24.30
CA ALA D 88 10.75 0.10 -25.50
C ALA D 88 11.93 1.10 -25.44
N THR D 89 12.22 1.55 -24.22
CA THR D 89 13.40 2.37 -23.94
C THR D 89 14.12 1.87 -22.70
N PHE D 90 15.41 2.18 -22.62
CA PHE D 90 16.27 1.88 -21.50
C PHE D 90 17.01 3.14 -21.09
N GLN D 91 17.19 3.32 -19.79
CA GLN D 91 18.08 4.32 -19.28
C GLN D 91 19.23 3.62 -18.58
N GLU D 92 20.43 4.15 -18.76
CA GLU D 92 21.58 3.58 -18.10
C GLU D 92 21.69 4.08 -16.69
N ILE D 93 21.67 3.17 -15.72
CA ILE D 93 21.76 3.58 -14.32
C ILE D 93 23.21 3.93 -13.96
N ASP D 94 23.39 5.11 -13.37
CA ASP D 94 24.64 5.53 -12.78
C ASP D 94 24.55 5.35 -11.26
N PRO D 95 25.20 4.30 -10.76
CA PRO D 95 25.32 3.93 -9.35
C PRO D 95 26.05 4.95 -8.49
N ARG D 96 26.75 5.88 -9.14
CA ARG D 96 27.59 6.86 -8.42
C ARG D 96 26.78 8.04 -7.90
N CYS D 97 25.56 8.24 -8.40
CA CYS D 97 24.80 9.42 -7.98
C CYS D 97 23.35 9.13 -7.60
C2 BGC E . 4.46 6.04 -12.52
C3 BGC E . 5.63 7.02 -12.57
C4 BGC E . 5.96 7.62 -13.93
C5 BGC E . 5.64 6.74 -15.14
C6 BGC E . 6.72 6.74 -16.23
C1 BGC E . 4.15 5.42 -13.87
O1 BGC E . 3.71 4.08 -13.70
O2 BGC E . 3.36 6.76 -12.03
O3 BGC E . 6.77 6.36 -12.07
O4 BGC E . 5.27 8.85 -14.01
O5 BGC E . 5.32 5.44 -14.69
O6 BGC E . 6.25 6.26 -17.49
S SO4 F . -1.17 4.20 5.31
O1 SO4 F . 0.13 4.35 5.95
O2 SO4 F . -1.36 5.27 4.33
O3 SO4 F . -2.22 4.27 6.33
O4 SO4 F . -1.26 2.89 4.64
P 3GP G . -1.36 14.58 -12.86
O1P 3GP G . -0.15 13.77 -13.24
O2P 3GP G . -1.29 14.84 -11.37
O3P 3GP G . -2.63 13.83 -13.23
O5' 3GP G . 2.59 17.25 -15.22
C5' 3GP G . 2.37 16.53 -14.01
C4' 3GP G . 0.97 16.73 -13.39
O4' 3GP G . 0.74 18.09 -13.03
C3' 3GP G . -0.15 16.38 -14.38
O3' 3GP G . -1.31 15.94 -13.70
C2' 3GP G . -0.46 17.72 -15.01
O2' 3GP G . -1.76 17.66 -15.51
C1' 3GP G . -0.35 18.61 -13.79
N9 3GP G . -0.10 20.03 -14.04
C8 3GP G . 1.10 20.63 -14.40
N7 3GP G . 0.90 21.97 -14.49
C5 3GP G . -0.41 22.20 -14.20
C6 3GP G . -1.16 23.36 -14.14
O6 3GP G . -0.64 24.45 -14.37
N1 3GP G . -2.48 23.30 -13.83
C2 3GP G . -3.09 22.10 -13.54
N2 3GP G . -4.39 22.07 -13.22
N3 3GP G . -2.36 20.95 -13.60
C4 3GP G . -1.04 21.01 -13.91
C2 BGC H . -13.32 -8.23 4.64
C3 BGC H . -12.32 -7.21 5.15
C4 BGC H . -11.33 -6.74 4.08
C5 BGC H . -12.02 -6.43 2.76
C6 BGC H . -11.09 -5.86 1.70
C1 BGC H . -13.68 -7.94 3.21
O1 BGC H . -14.33 -9.11 2.75
O2 BGC H . -14.53 -8.14 5.33
O3 BGC H . -11.57 -7.78 6.21
O4 BGC H . -10.69 -5.57 4.54
O5 BGC H . -12.53 -7.68 2.44
O6 BGC H . -11.60 -5.89 0.37
P 3GP I . -11.27 -15.70 -1.72
O1P 3GP I . -11.66 -14.91 -0.51
O2P 3GP I . -11.46 -14.85 -2.97
O3P 3GP I . -9.82 -16.08 -1.59
O5' 3GP I . -13.56 -18.24 2.29
C5' 3GP I . -12.60 -17.27 1.90
C4' 3GP I . -11.92 -17.60 0.58
O4' 3GP I . -11.39 -18.92 0.60
C3' 3GP I . -12.87 -17.52 -0.62
O3' 3GP I . -12.21 -17.01 -1.78
C2' 3GP I . -13.28 -18.97 -0.78
O2' 3GP I . -13.78 -19.24 -2.06
C1' 3GP I . -11.97 -19.65 -0.47
N9 3GP I . -12.12 -21.03 -0.06
C8 3GP I . -12.53 -21.51 1.16
N7 3GP I . -12.52 -22.86 1.11
C5 3GP I . -12.11 -23.23 -0.13
C6 3GP I . -11.91 -24.46 -0.71
O6 3GP I . -12.13 -25.48 -0.07
N1 3GP I . -11.49 -24.52 -2.01
C2 3GP I . -11.23 -23.36 -2.76
N2 3GP I . -10.81 -23.44 -4.03
N3 3GP I . -11.43 -22.14 -2.16
C4 3GP I . -11.85 -22.08 -0.88
C2 BGC J . -11.32 14.71 0.84
C3 BGC J . -11.85 14.00 2.07
C4 BGC J . -13.28 14.29 2.56
C5 BGC J . -14.01 15.32 1.69
C6 BGC J . -15.28 15.82 2.35
C1 BGC J . -12.12 15.95 0.42
O1 BGC J . -11.23 17.02 0.21
O2 BGC J . -11.20 13.75 -0.17
O3 BGC J . -10.92 14.42 3.02
O4 BGC J . -14.06 13.12 2.75
O5 BGC J . -13.09 16.35 1.39
O6 BGC J . -15.09 17.08 2.95
P 3GP K . -21.03 8.95 5.33
O1P 3GP K . -20.60 8.26 4.06
O2P 3GP K . -20.75 7.95 6.40
O3P 3GP K . -20.19 10.19 5.53
O5' 3GP K . -24.09 11.04 9.40
C5' 3GP K . -22.93 11.02 8.59
C4' 3GP K . -22.89 9.83 7.63
O4' 3GP K . -23.76 8.78 8.01
C3' 3GP K . -23.31 10.17 6.21
O3' 3GP K . -22.61 9.36 5.28
C2' 3GP K . -24.81 9.86 6.20
O2' 3GP K . -25.20 9.52 4.89
C1' 3GP K . -24.89 8.67 7.16
N9 3GP K . -25.99 8.47 8.13
C8 3GP K . -26.39 9.29 9.16
N7 3GP K . -27.38 8.67 9.86
C5 3GP K . -27.59 7.46 9.32
C6 3GP K . -28.47 6.42 9.63
O6 3GP K . -29.24 6.54 10.58
N1 3GP K . -28.47 5.25 8.87
C2 3GP K . -27.59 5.13 7.80
N2 3GP K . -27.59 4.01 7.07
N3 3GP K . -26.73 6.17 7.50
C4 3GP K . -26.72 7.30 8.24
P 3GP L . 8.59 -10.10 -19.52
O1P 3GP L . 7.20 -9.53 -19.40
O2P 3GP L . 9.49 -8.88 -19.47
O3P 3GP L . 8.83 -11.03 -18.37
O5' 3GP L . 12.48 -12.69 -20.24
C5' 3GP L . 12.32 -11.82 -21.34
C4' 3GP L . 11.16 -10.85 -21.08
O4' 3GP L . 11.39 -9.63 -21.74
C3' 3GP L . 9.85 -11.34 -21.65
O3' 3GP L . 8.70 -10.88 -20.93
C2' 3GP L . 9.82 -10.81 -23.08
O2' 3GP L . 8.51 -10.38 -23.38
C1' 3GP L . 10.77 -9.60 -23.01
N9 3GP L . 11.88 -9.47 -23.99
C8 3GP L . 13.03 -10.22 -24.10
N7 3GP L . 13.81 -9.70 -25.08
C5 3GP L . 13.18 -8.61 -25.58
C6 3GP L . 13.51 -7.71 -26.59
O6 3GP L . 14.56 -7.83 -27.20
N1 3GP L . 12.65 -6.66 -26.89
C2 3GP L . 11.46 -6.52 -26.19
N2 3GP L . 10.61 -5.53 -26.48
N3 3GP L . 11.13 -7.43 -25.20
C4 3GP L . 11.98 -8.44 -24.90
#